data_1KMC
#
_entry.id   1KMC
#
_cell.length_a   88.13
_cell.length_b   88.13
_cell.length_c   186.45
_cell.angle_alpha   90
_cell.angle_beta   90
_cell.angle_gamma   120
#
_symmetry.space_group_name_H-M   'P 32 2 1'
#
loop_
_entity.id
_entity.type
_entity.pdbx_description
1 polymer Caspase-7
2 polymer 'X-LINKED INHIBITOR OF APOPTOSIS PROTEIN'
3 water water
#
loop_
_entity_poly.entity_id
_entity_poly.type
_entity_poly.pdbx_seq_one_letter_code
_entity_poly.pdbx_strand_id
1 'polypeptide(L)'
;MADDQGCIEEQGVEDSANEDSVDAKPDRSSFVPSLFSKKKKNVTMRSIKTTRDRVPTYQYNMNFEKLGKCIIINNKNFDK
VTGMGVRNGTDKDAEALFKCFRSLGFDVIVYNDCSCAKMQDLLKKASEEDHTNAACFACILLSHGEENVIYGKDGVTPIK
DLTAHFRGDRCKTLLEKPKLFFIQAARGTELDDGIQADSGPINDTDANPRYKIPVEADFLFAYSTVPGYYSWRSPGRGSW
FVQALCSILEEHGKDLEIMQILTRVNDRVARHFESQSDDPHFHEKKQIPCVVSMLTKELYFSQ
;
A,B
2 'polypeptide(L)'
;RDHFALDRPSETHADYLLRTGQVVDISDTIYPRNPAMYCEEARLKSFQNWPDYAHLTPRELASAGLYYTGIGDQVQCFCC
GGKLKNWEPCDRAWSEHRRHFPNCFFVLGRNLNIRSESD
;
C,D
#
# COMPACT_ATOMS: atom_id res chain seq x y z
N THR A 57 3.09 18.27 7.87
CA THR A 57 2.30 18.96 8.94
C THR A 57 0.92 19.35 8.44
N TYR A 58 0.85 19.91 7.24
CA TYR A 58 -0.44 20.35 6.74
C TYR A 58 -1.31 19.34 5.99
N GLN A 59 -2.37 19.90 5.42
CA GLN A 59 -3.37 19.17 4.67
C GLN A 59 -3.25 19.61 3.22
N TYR A 60 -3.81 18.85 2.31
CA TYR A 60 -3.78 19.23 0.91
C TYR A 60 -4.65 20.49 0.80
N ASN A 61 -4.23 21.46 0.02
CA ASN A 61 -5.03 22.66 -0.17
C ASN A 61 -6.31 22.30 -0.93
N MET A 62 -7.47 22.52 -0.32
CA MET A 62 -8.73 22.21 -0.98
C MET A 62 -9.46 23.43 -1.50
N ASN A 63 -8.81 24.59 -1.43
CA ASN A 63 -9.44 25.82 -1.88
C ASN A 63 -9.39 25.98 -3.39
N PHE A 64 -10.33 25.32 -4.07
CA PHE A 64 -10.43 25.37 -5.53
C PHE A 64 -11.90 25.47 -5.97
N GLU A 65 -12.10 25.97 -7.19
CA GLU A 65 -13.44 26.12 -7.73
C GLU A 65 -14.24 24.82 -7.59
N LYS A 66 -13.60 23.68 -7.85
CA LYS A 66 -14.26 22.39 -7.72
C LYS A 66 -13.36 21.35 -7.06
N LEU A 67 -13.99 20.29 -6.54
CA LEU A 67 -13.27 19.19 -5.87
C LEU A 67 -12.47 18.40 -6.89
N GLY A 68 -13.13 18.06 -8.00
CA GLY A 68 -12.48 17.30 -9.05
C GLY A 68 -13.41 16.33 -9.74
N LYS A 69 -12.88 15.66 -10.76
CA LYS A 69 -13.64 14.67 -11.52
C LYS A 69 -13.61 13.32 -10.80
N CYS A 70 -14.57 12.46 -11.10
CA CYS A 70 -14.60 11.14 -10.51
C CYS A 70 -15.08 10.14 -11.55
N ILE A 71 -14.12 9.52 -12.25
CA ILE A 71 -14.45 8.54 -13.28
C ILE A 71 -14.84 7.20 -12.64
N ILE A 72 -16.07 6.75 -12.85
CA ILE A 72 -16.48 5.47 -12.32
C ILE A 72 -16.62 4.51 -13.51
N ILE A 73 -15.87 3.40 -13.48
CA ILE A 73 -15.94 2.41 -14.55
C ILE A 73 -16.67 1.18 -14.06
N ASN A 74 -17.91 1.02 -14.51
CA ASN A 74 -18.75 -0.10 -14.10
C ASN A 74 -18.77 -1.26 -15.10
N ASN A 75 -17.89 -2.23 -14.90
CA ASN A 75 -17.83 -3.38 -15.78
C ASN A 75 -18.71 -4.51 -15.24
N LYS A 76 -19.74 -4.87 -15.99
CA LYS A 76 -20.65 -5.91 -15.55
C LYS A 76 -20.72 -7.11 -16.48
N ASN A 77 -20.77 -6.84 -17.78
CA ASN A 77 -20.86 -7.91 -18.79
C ASN A 77 -19.56 -8.06 -19.56
N PHE A 78 -19.02 -9.28 -19.58
CA PHE A 78 -17.77 -9.55 -20.29
C PHE A 78 -17.91 -10.48 -21.48
N ASP A 79 -17.11 -10.25 -22.52
CA ASP A 79 -17.16 -11.07 -23.72
C ASP A 79 -17.00 -12.55 -23.38
N LYS A 80 -17.73 -13.40 -24.11
CA LYS A 80 -17.69 -14.84 -23.88
C LYS A 80 -16.25 -15.34 -23.92
N VAL A 81 -15.49 -14.85 -24.89
CA VAL A 81 -14.09 -15.23 -25.07
C VAL A 81 -13.28 -15.19 -23.78
N THR A 82 -13.56 -14.20 -22.92
CA THR A 82 -12.86 -14.04 -21.65
C THR A 82 -13.30 -15.11 -20.67
N GLY A 83 -14.52 -15.60 -20.82
CA GLY A 83 -15.02 -16.61 -19.91
C GLY A 83 -15.38 -16.08 -18.54
N MET A 84 -15.29 -14.77 -18.34
CA MET A 84 -15.60 -14.15 -17.05
C MET A 84 -17.11 -14.02 -16.85
N GLY A 85 -17.57 -14.18 -15.62
CA GLY A 85 -18.99 -14.10 -15.31
C GLY A 85 -19.61 -12.71 -15.21
N VAL A 86 -20.94 -12.67 -15.22
CA VAL A 86 -21.70 -11.43 -15.10
C VAL A 86 -21.63 -10.90 -13.68
N ARG A 87 -20.90 -9.81 -13.48
CA ARG A 87 -20.76 -9.24 -12.15
C ARG A 87 -22.06 -8.69 -11.55
N ASN A 88 -23.01 -9.57 -11.28
CA ASN A 88 -24.28 -9.15 -10.70
C ASN A 88 -24.09 -8.42 -9.36
N GLY A 89 -24.69 -7.26 -9.25
CA GLY A 89 -24.58 -6.48 -8.03
C GLY A 89 -23.76 -5.22 -8.26
N THR A 90 -22.97 -5.22 -9.33
CA THR A 90 -22.12 -4.07 -9.61
C THR A 90 -22.93 -2.79 -9.88
N ASP A 91 -24.13 -2.94 -10.42
CA ASP A 91 -24.94 -1.77 -10.66
C ASP A 91 -25.30 -1.13 -9.32
N LYS A 92 -25.62 -1.97 -8.33
CA LYS A 92 -25.95 -1.46 -7.01
C LYS A 92 -24.74 -0.71 -6.48
N ASP A 93 -23.55 -1.27 -6.66
CA ASP A 93 -22.33 -0.61 -6.20
C ASP A 93 -22.17 0.76 -6.85
N ALA A 94 -22.22 0.79 -8.18
CA ALA A 94 -22.06 2.02 -8.91
C ALA A 94 -23.06 3.10 -8.47
N GLU A 95 -24.31 2.71 -8.30
CA GLU A 95 -25.33 3.66 -7.90
C GLU A 95 -24.95 4.28 -6.54
N ALA A 96 -24.57 3.43 -5.60
CA ALA A 96 -24.22 3.86 -4.26
C ALA A 96 -22.98 4.75 -4.26
N LEU A 97 -22.00 4.36 -5.05
CA LEU A 97 -20.77 5.13 -5.14
C LEU A 97 -21.09 6.47 -5.79
N PHE A 98 -21.79 6.42 -6.92
CA PHE A 98 -22.16 7.61 -7.64
C PHE A 98 -22.75 8.67 -6.70
N LYS A 99 -23.70 8.26 -5.88
CA LYS A 99 -24.32 9.19 -4.95
C LYS A 99 -23.32 9.68 -3.89
N CYS A 100 -22.56 8.77 -3.28
CA CYS A 100 -21.59 9.17 -2.27
C CYS A 100 -20.61 10.22 -2.76
N PHE A 101 -19.96 9.93 -3.89
CA PHE A 101 -18.97 10.87 -4.42
C PHE A 101 -19.61 12.16 -4.91
N ARG A 102 -20.86 12.08 -5.34
CA ARG A 102 -21.55 13.29 -5.77
C ARG A 102 -21.68 14.14 -4.50
N SER A 103 -22.19 13.53 -3.42
CA SER A 103 -22.35 14.23 -2.15
C SER A 103 -21.05 14.84 -1.68
N LEU A 104 -19.94 14.15 -1.95
CA LEU A 104 -18.65 14.64 -1.53
C LEU A 104 -18.33 15.93 -2.28
N GLY A 105 -18.97 16.12 -3.43
CA GLY A 105 -18.71 17.30 -4.22
C GLY A 105 -17.94 17.02 -5.51
N PHE A 106 -17.82 15.75 -5.89
CA PHE A 106 -17.12 15.36 -7.11
C PHE A 106 -18.05 15.50 -8.32
N ASP A 107 -17.48 15.66 -9.51
CA ASP A 107 -18.28 15.69 -10.73
C ASP A 107 -18.22 14.25 -11.22
N VAL A 108 -19.17 13.43 -10.78
CA VAL A 108 -19.18 12.01 -11.15
C VAL A 108 -19.64 11.71 -12.57
N ILE A 109 -19.04 10.66 -13.15
CA ILE A 109 -19.37 10.20 -14.50
C ILE A 109 -19.25 8.69 -14.47
N VAL A 110 -20.25 7.98 -14.99
CA VAL A 110 -20.16 6.53 -14.99
C VAL A 110 -20.12 5.94 -16.39
N TYR A 111 -19.11 5.12 -16.63
CA TYR A 111 -18.95 4.46 -17.92
C TYR A 111 -19.32 3.01 -17.65
N ASN A 112 -19.74 2.29 -18.68
CA ASN A 112 -20.14 0.90 -18.48
C ASN A 112 -19.62 -0.08 -19.51
N ASP A 113 -19.39 -1.31 -19.06
CA ASP A 113 -18.87 -2.39 -19.91
C ASP A 113 -17.81 -1.85 -20.86
N CYS A 114 -16.71 -1.36 -20.31
CA CYS A 114 -15.65 -0.81 -21.17
C CYS A 114 -14.56 -1.81 -21.52
N SER A 115 -14.06 -1.69 -22.74
CA SER A 115 -13.00 -2.56 -23.22
C SER A 115 -11.69 -1.99 -22.66
N CYS A 116 -10.65 -2.79 -22.66
CA CYS A 116 -9.37 -2.32 -22.16
C CYS A 116 -8.95 -1.05 -22.90
N ALA A 117 -9.35 -0.96 -24.17
CA ALA A 117 -8.99 0.20 -24.97
C ALA A 117 -9.73 1.43 -24.51
N LYS A 118 -11.03 1.28 -24.29
CA LYS A 118 -11.84 2.39 -23.82
C LYS A 118 -11.31 2.89 -22.47
N MET A 119 -11.09 1.96 -21.53
CA MET A 119 -10.59 2.33 -20.22
C MET A 119 -9.29 3.10 -20.31
N GLN A 120 -8.34 2.59 -21.09
CA GLN A 120 -7.06 3.26 -21.24
C GLN A 120 -7.27 4.64 -21.87
N ASP A 121 -8.06 4.67 -22.93
CA ASP A 121 -8.33 5.94 -23.61
C ASP A 121 -8.98 6.92 -22.64
N LEU A 122 -10.05 6.45 -22.02
CA LEU A 122 -10.81 7.23 -21.03
C LEU A 122 -9.88 7.96 -20.07
N LEU A 123 -9.07 7.19 -19.36
CA LEU A 123 -8.15 7.76 -18.38
C LEU A 123 -7.08 8.64 -19.03
N LYS A 124 -6.59 8.26 -20.20
CA LYS A 124 -5.57 9.06 -20.87
C LYS A 124 -6.13 10.44 -21.18
N LYS A 125 -7.31 10.45 -21.80
CA LYS A 125 -7.96 11.69 -22.15
C LYS A 125 -8.13 12.53 -20.89
N ALA A 126 -8.68 11.92 -19.84
CA ALA A 126 -8.90 12.62 -18.59
C ALA A 126 -7.62 13.29 -18.08
N SER A 127 -6.50 12.58 -18.16
CA SER A 127 -5.23 13.10 -17.70
C SER A 127 -4.78 14.29 -18.54
N GLU A 128 -5.39 14.47 -19.71
CA GLU A 128 -5.02 15.57 -20.59
C GLU A 128 -5.94 16.76 -20.41
N GLU A 129 -7.00 16.61 -19.62
CA GLU A 129 -7.90 17.73 -19.37
C GLU A 129 -7.20 18.69 -18.42
N ASP A 130 -7.76 19.88 -18.24
CA ASP A 130 -7.15 20.86 -17.37
C ASP A 130 -7.76 20.84 -15.98
N HIS A 131 -6.99 20.31 -15.02
CA HIS A 131 -7.42 20.18 -13.64
C HIS A 131 -7.03 21.36 -12.76
N THR A 132 -6.57 22.44 -13.37
CA THR A 132 -6.13 23.62 -12.63
C THR A 132 -7.08 24.10 -11.53
N ASN A 133 -8.38 24.06 -11.78
CA ASN A 133 -9.33 24.52 -10.78
C ASN A 133 -9.92 23.41 -9.93
N ALA A 134 -9.27 22.25 -9.99
CA ALA A 134 -9.71 21.09 -9.24
C ALA A 134 -8.77 20.85 -8.07
N ALA A 135 -9.34 20.36 -6.97
CA ALA A 135 -8.57 20.07 -5.77
C ALA A 135 -7.86 18.72 -5.86
N CYS A 136 -8.50 17.77 -6.55
CA CYS A 136 -7.94 16.42 -6.70
C CYS A 136 -8.67 15.67 -7.81
N PHE A 137 -8.32 14.39 -7.96
CA PHE A 137 -8.95 13.54 -8.97
C PHE A 137 -9.33 12.18 -8.37
N ALA A 138 -10.41 11.57 -8.87
CA ALA A 138 -10.81 10.27 -8.35
C ALA A 138 -11.30 9.33 -9.45
N CYS A 139 -10.84 8.09 -9.38
CA CYS A 139 -11.24 7.07 -10.33
C CYS A 139 -11.62 5.83 -9.55
N ILE A 140 -12.74 5.21 -9.95
CA ILE A 140 -13.20 4.00 -9.28
C ILE A 140 -13.32 2.90 -10.33
N LEU A 141 -12.74 1.74 -10.03
CA LEU A 141 -12.80 0.63 -10.95
C LEU A 141 -13.60 -0.52 -10.36
N LEU A 142 -14.68 -0.88 -11.05
CA LEU A 142 -15.55 -1.97 -10.62
C LEU A 142 -15.57 -3.03 -11.72
N SER A 143 -14.81 -4.10 -11.53
CA SER A 143 -14.74 -5.15 -12.54
C SER A 143 -14.09 -6.42 -12.00
N HIS A 144 -13.80 -7.35 -12.90
CA HIS A 144 -13.10 -8.59 -12.56
C HIS A 144 -11.63 -8.18 -12.50
N GLY A 145 -10.81 -8.97 -11.82
CA GLY A 145 -9.40 -8.62 -11.77
C GLY A 145 -8.51 -9.78 -11.36
N GLU A 146 -7.21 -9.58 -11.50
CA GLU A 146 -6.21 -10.58 -11.12
C GLU A 146 -5.02 -9.75 -10.71
N GLU A 147 -4.12 -10.32 -9.91
CA GLU A 147 -2.98 -9.54 -9.43
C GLU A 147 -2.38 -8.60 -10.46
N ASN A 148 -2.34 -7.32 -10.12
CA ASN A 148 -1.77 -6.28 -10.97
C ASN A 148 -2.54 -5.96 -12.21
N VAL A 149 -3.58 -6.72 -12.48
CA VAL A 149 -4.34 -6.50 -13.69
C VAL A 149 -5.84 -6.33 -13.43
N ILE A 150 -6.54 -5.70 -14.35
CA ILE A 150 -7.98 -5.52 -14.19
C ILE A 150 -8.68 -5.86 -15.50
N TYR A 151 -9.91 -6.35 -15.42
CA TYR A 151 -10.65 -6.75 -16.61
C TYR A 151 -11.50 -5.73 -17.34
N GLY A 152 -11.30 -5.72 -18.66
CA GLY A 152 -12.09 -4.88 -19.53
C GLY A 152 -13.07 -5.87 -20.14
N LYS A 153 -14.02 -5.37 -20.92
CA LYS A 153 -15.01 -6.25 -21.54
C LYS A 153 -14.33 -7.36 -22.33
N ASP A 154 -13.33 -6.97 -23.10
CA ASP A 154 -12.59 -7.85 -23.98
C ASP A 154 -11.32 -8.47 -23.41
N GLY A 155 -10.98 -8.20 -22.15
CA GLY A 155 -9.76 -8.77 -21.64
C GLY A 155 -9.16 -8.20 -20.38
N VAL A 156 -7.84 -8.13 -20.34
CA VAL A 156 -7.13 -7.67 -19.17
C VAL A 156 -6.09 -6.57 -19.44
N THR A 157 -5.98 -5.61 -18.53
CA THR A 157 -4.98 -4.53 -18.64
C THR A 157 -4.36 -4.26 -17.28
N PRO A 158 -3.05 -3.99 -17.28
CA PRO A 158 -2.34 -3.70 -16.03
C PRO A 158 -2.81 -2.41 -15.39
N ILE A 159 -3.18 -2.50 -14.11
CA ILE A 159 -3.66 -1.34 -13.38
C ILE A 159 -2.62 -0.24 -13.39
N LYS A 160 -1.36 -0.64 -13.42
CA LYS A 160 -0.30 0.33 -13.46
C LYS A 160 -0.43 1.23 -14.69
N ASP A 161 -0.74 0.63 -15.84
CA ASP A 161 -0.87 1.42 -17.06
C ASP A 161 -2.03 2.39 -16.98
N LEU A 162 -3.11 1.98 -16.34
CA LEU A 162 -4.27 2.85 -16.19
C LEU A 162 -3.97 4.10 -15.38
N THR A 163 -3.23 3.94 -14.29
CA THR A 163 -2.88 5.04 -13.39
C THR A 163 -1.67 5.90 -13.77
N ALA A 164 -0.74 5.34 -14.54
CA ALA A 164 0.46 6.06 -14.94
C ALA A 164 0.15 7.39 -15.62
N HIS A 165 -0.97 7.42 -16.33
CA HIS A 165 -1.39 8.63 -17.03
C HIS A 165 -1.41 9.86 -16.15
N PHE A 166 -1.46 9.67 -14.84
CA PHE A 166 -1.53 10.80 -13.94
C PHE A 166 -0.26 11.14 -13.20
N ARG A 167 0.86 10.57 -13.62
CA ARG A 167 2.12 10.88 -12.96
C ARG A 167 2.38 12.38 -13.08
N GLY A 168 3.03 12.95 -12.09
CA GLY A 168 3.30 14.37 -12.09
C GLY A 168 3.91 14.89 -13.38
N ASP A 169 4.55 14.01 -14.12
CA ASP A 169 5.19 14.39 -15.37
C ASP A 169 4.32 14.14 -16.58
N ARG A 170 3.08 13.71 -16.38
CA ARG A 170 2.19 13.44 -17.49
C ARG A 170 0.81 14.03 -17.29
N CYS A 171 0.67 14.83 -16.24
CA CYS A 171 -0.59 15.49 -15.94
C CYS A 171 -0.27 16.61 -14.97
N LYS A 172 0.61 17.50 -15.40
CA LYS A 172 1.07 18.65 -14.62
C LYS A 172 -0.07 19.38 -13.93
N THR A 173 -1.24 19.41 -14.55
CA THR A 173 -2.37 20.10 -13.95
C THR A 173 -2.85 19.44 -12.63
N LEU A 174 -2.26 18.30 -12.29
CA LEU A 174 -2.62 17.60 -11.05
C LEU A 174 -1.44 17.44 -10.09
N LEU A 175 -0.31 18.05 -10.43
CA LEU A 175 0.89 18.01 -9.59
C LEU A 175 0.59 18.54 -8.19
N GLU A 176 1.05 17.82 -7.17
CA GLU A 176 0.83 18.24 -5.79
C GLU A 176 -0.63 18.15 -5.37
N LYS A 177 -1.43 17.49 -6.20
CA LYS A 177 -2.85 17.28 -5.92
C LYS A 177 -3.06 15.77 -5.78
N PRO A 178 -3.90 15.35 -4.82
CA PRO A 178 -4.15 13.92 -4.64
C PRO A 178 -4.93 13.25 -5.77
N LYS A 179 -4.42 12.12 -6.22
CA LYS A 179 -5.04 11.34 -7.29
C LYS A 179 -5.47 10.03 -6.65
N LEU A 180 -6.77 9.86 -6.42
CA LEU A 180 -7.27 8.64 -5.78
C LEU A 180 -7.82 7.59 -6.72
N PHE A 181 -7.53 6.33 -6.42
CA PHE A 181 -8.04 5.21 -7.22
C PHE A 181 -8.60 4.16 -6.29
N PHE A 182 -9.89 3.90 -6.42
CA PHE A 182 -10.55 2.90 -5.59
C PHE A 182 -10.80 1.71 -6.51
N ILE A 183 -10.21 0.56 -6.19
CA ILE A 183 -10.37 -0.60 -7.03
C ILE A 183 -11.14 -1.75 -6.38
N GLN A 184 -12.34 -2.00 -6.89
CA GLN A 184 -13.14 -3.11 -6.40
C GLN A 184 -12.97 -4.22 -7.43
N ALA A 185 -12.06 -5.15 -7.14
CA ALA A 185 -11.78 -6.28 -8.02
C ALA A 185 -10.82 -7.25 -7.36
N ALA A 186 -10.92 -8.53 -7.73
CA ALA A 186 -10.05 -9.55 -7.19
C ALA A 186 -8.61 -9.29 -7.61
N ARG A 187 -7.67 -9.81 -6.84
CA ARG A 187 -6.26 -9.63 -7.13
C ARG A 187 -5.62 -10.99 -7.08
N GLY A 188 -6.45 -12.02 -7.32
CA GLY A 188 -5.98 -13.38 -7.29
C GLY A 188 -7.15 -14.25 -6.85
N THR A 189 -6.88 -15.49 -6.47
CA THR A 189 -7.97 -16.37 -6.04
C THR A 189 -7.83 -16.93 -4.64
N GLU A 190 -6.76 -16.57 -3.94
CA GLU A 190 -6.57 -17.03 -2.58
C GLU A 190 -7.75 -16.57 -1.72
N LEU A 191 -8.16 -17.40 -0.77
CA LEU A 191 -9.27 -17.06 0.11
C LEU A 191 -8.73 -16.90 1.53
N ASP A 192 -9.36 -16.04 2.33
CA ASP A 192 -8.92 -15.82 3.69
C ASP A 192 -9.86 -16.56 4.63
N ASP A 193 -9.39 -17.69 5.17
CA ASP A 193 -10.22 -18.47 6.07
C ASP A 193 -10.48 -17.79 7.40
N GLY A 194 -9.75 -16.73 7.68
CA GLY A 194 -9.97 -16.04 8.94
C GLY A 194 -9.47 -16.85 10.13
N ILE A 195 -9.69 -16.33 11.32
CA ILE A 195 -9.23 -17.01 12.51
C ILE A 195 -10.08 -16.63 13.72
N GLN A 196 -10.14 -17.56 14.67
CA GLN A 196 -10.88 -17.40 15.93
C GLN A 196 -11.48 -16.02 16.18
N ARG A 210 12.88 26.93 -5.52
CA ARG A 210 13.03 25.92 -6.56
C ARG A 210 12.87 24.51 -5.97
N TYR A 211 11.76 23.86 -6.32
CA TYR A 211 11.46 22.51 -5.87
C TYR A 211 11.47 21.54 -7.05
N LYS A 212 10.88 20.37 -6.83
CA LYS A 212 10.82 19.32 -7.83
C LYS A 212 10.19 18.18 -7.06
N ILE A 213 9.20 17.50 -7.63
CA ILE A 213 8.58 16.41 -6.89
C ILE A 213 8.56 15.08 -7.65
N PRO A 214 8.58 13.96 -6.90
CA PRO A 214 8.55 12.64 -7.54
C PRO A 214 7.36 12.54 -8.46
N VAL A 215 7.60 12.14 -9.71
CA VAL A 215 6.51 12.03 -10.66
C VAL A 215 5.49 11.03 -10.12
N GLU A 216 5.95 10.17 -9.22
CA GLU A 216 5.09 9.15 -8.66
C GLU A 216 4.41 9.48 -7.32
N ALA A 217 4.56 10.73 -6.87
CA ALA A 217 3.96 11.14 -5.61
C ALA A 217 2.48 11.53 -5.68
N ASP A 218 1.84 11.56 -4.51
CA ASP A 218 0.44 11.95 -4.37
C ASP A 218 -0.60 11.03 -4.99
N PHE A 219 -0.34 9.73 -4.92
CA PHE A 219 -1.27 8.74 -5.42
C PHE A 219 -1.74 7.95 -4.21
N LEU A 220 -2.99 7.52 -4.25
CA LEU A 220 -3.56 6.70 -3.18
C LEU A 220 -4.41 5.64 -3.84
N PHE A 221 -4.11 4.37 -3.56
CA PHE A 221 -4.89 3.28 -4.12
C PHE A 221 -5.63 2.58 -2.99
N ALA A 222 -6.95 2.58 -3.07
CA ALA A 222 -7.77 1.91 -2.07
C ALA A 222 -8.29 0.63 -2.71
N TYR A 223 -7.59 -0.47 -2.45
CA TYR A 223 -7.98 -1.77 -2.99
C TYR A 223 -9.00 -2.46 -2.09
N SER A 224 -9.93 -3.17 -2.70
CA SER A 224 -10.94 -3.90 -1.93
C SER A 224 -10.30 -5.07 -1.19
N THR A 225 -9.26 -5.65 -1.78
CA THR A 225 -8.62 -6.80 -1.16
C THR A 225 -7.10 -6.75 -1.25
N VAL A 226 -6.46 -7.67 -0.57
CA VAL A 226 -5.00 -7.77 -0.51
C VAL A 226 -4.48 -8.53 -1.73
N PRO A 227 -3.23 -8.24 -2.14
CA PRO A 227 -2.61 -8.90 -3.29
C PRO A 227 -2.75 -10.40 -3.26
N GLY A 228 -3.13 -10.98 -4.40
CA GLY A 228 -3.27 -12.42 -4.50
C GLY A 228 -4.58 -13.02 -4.04
N TYR A 229 -5.39 -12.25 -3.33
CA TYR A 229 -6.66 -12.78 -2.85
C TYR A 229 -7.89 -12.40 -3.67
N TYR A 230 -8.98 -13.08 -3.37
CA TYR A 230 -10.26 -12.87 -4.04
C TYR A 230 -10.96 -11.65 -3.43
N SER A 231 -12.03 -11.20 -4.05
CA SER A 231 -12.78 -10.05 -3.56
C SER A 231 -14.25 -10.45 -3.56
N TRP A 232 -14.93 -10.31 -2.43
CA TRP A 232 -16.33 -10.71 -2.33
C TRP A 232 -17.41 -9.67 -2.62
N ARG A 233 -18.56 -10.17 -3.07
CA ARG A 233 -19.71 -9.33 -3.38
C ARG A 233 -20.96 -10.20 -3.33
N SER A 234 -22.11 -9.59 -3.04
CA SER A 234 -23.36 -10.34 -3.03
C SER A 234 -24.26 -9.70 -4.08
N PRO A 235 -24.69 -10.48 -5.09
CA PRO A 235 -25.54 -9.93 -6.15
C PRO A 235 -26.72 -9.13 -5.62
N GLY A 236 -27.01 -9.30 -4.34
CA GLY A 236 -28.10 -8.57 -3.73
C GLY A 236 -27.62 -7.27 -3.11
N ARG A 237 -26.83 -7.37 -2.06
CA ARG A 237 -26.31 -6.20 -1.35
C ARG A 237 -25.18 -5.49 -2.11
N GLY A 238 -24.41 -6.22 -2.91
CA GLY A 238 -23.29 -5.62 -3.63
C GLY A 238 -21.97 -5.94 -2.97
N SER A 239 -20.87 -5.42 -3.51
CA SER A 239 -19.52 -5.65 -2.97
C SER A 239 -19.36 -5.29 -1.50
N TRP A 240 -18.62 -6.10 -0.76
CA TRP A 240 -18.39 -5.85 0.67
C TRP A 240 -17.68 -4.51 0.85
N PHE A 241 -16.57 -4.37 0.14
CA PHE A 241 -15.76 -3.17 0.18
C PHE A 241 -16.58 -1.94 -0.18
N VAL A 242 -17.35 -2.04 -1.27
CA VAL A 242 -18.17 -0.92 -1.71
C VAL A 242 -19.26 -0.62 -0.69
N GLN A 243 -19.85 -1.68 -0.12
CA GLN A 243 -20.89 -1.51 0.89
C GLN A 243 -20.29 -0.74 2.05
N ALA A 244 -19.11 -1.17 2.48
CA ALA A 244 -18.42 -0.54 3.60
C ALA A 244 -18.03 0.90 3.28
N LEU A 245 -17.32 1.08 2.18
CA LEU A 245 -16.85 2.41 1.76
C LEU A 245 -17.99 3.44 1.77
N CYS A 246 -19.13 3.05 1.21
CA CYS A 246 -20.26 3.95 1.16
C CYS A 246 -20.80 4.28 2.54
N SER A 247 -20.87 3.28 3.43
CA SER A 247 -21.34 3.52 4.79
C SER A 247 -20.51 4.61 5.45
N ILE A 248 -19.23 4.32 5.66
CA ILE A 248 -18.33 5.25 6.31
C ILE A 248 -18.34 6.61 5.62
N LEU A 249 -18.30 6.63 4.29
CA LEU A 249 -18.31 7.91 3.59
C LEU A 249 -19.56 8.70 3.93
N GLU A 250 -20.71 8.05 3.84
CA GLU A 250 -21.97 8.71 4.16
C GLU A 250 -21.93 9.27 5.59
N GLU A 251 -21.37 8.50 6.52
CA GLU A 251 -21.29 8.91 7.90
C GLU A 251 -20.16 9.89 8.24
N HIS A 252 -19.00 9.79 7.58
CA HIS A 252 -17.90 10.69 7.90
C HIS A 252 -17.11 11.28 6.72
N GLY A 253 -17.56 11.01 5.51
CA GLY A 253 -16.86 11.53 4.35
C GLY A 253 -16.45 12.98 4.47
N LYS A 254 -17.24 13.79 5.15
CA LYS A 254 -16.91 15.20 5.25
C LYS A 254 -16.23 15.67 6.51
N ASP A 255 -15.95 14.78 7.44
CA ASP A 255 -15.28 15.21 8.66
C ASP A 255 -14.03 14.43 9.00
N LEU A 256 -13.84 13.26 8.41
CA LEU A 256 -12.64 12.46 8.70
C LEU A 256 -11.59 12.55 7.60
N GLU A 257 -10.33 12.34 8.00
CA GLU A 257 -9.22 12.39 7.06
C GLU A 257 -9.26 11.10 6.21
N ILE A 258 -8.88 11.21 4.95
CA ILE A 258 -8.93 10.08 4.03
C ILE A 258 -8.40 8.75 4.59
N MET A 259 -7.29 8.77 5.34
CA MET A 259 -6.75 7.53 5.88
C MET A 259 -7.60 6.96 7.02
N GLN A 260 -8.26 7.85 7.78
CA GLN A 260 -9.12 7.42 8.87
C GLN A 260 -10.33 6.69 8.30
N ILE A 261 -10.90 7.30 7.26
CA ILE A 261 -12.05 6.75 6.57
C ILE A 261 -11.71 5.35 6.05
N LEU A 262 -10.61 5.24 5.29
CA LEU A 262 -10.24 3.95 4.73
C LEU A 262 -9.89 2.94 5.79
N THR A 263 -9.33 3.40 6.91
CA THR A 263 -9.01 2.46 7.98
C THR A 263 -10.30 1.91 8.56
N ARG A 264 -11.28 2.77 8.77
CA ARG A 264 -12.57 2.32 9.29
C ARG A 264 -13.22 1.35 8.29
N VAL A 265 -12.98 1.58 7.01
CA VAL A 265 -13.55 0.67 6.02
C VAL A 265 -12.86 -0.67 6.20
N ASN A 266 -11.54 -0.63 6.42
CA ASN A 266 -10.79 -1.87 6.61
C ASN A 266 -11.40 -2.71 7.72
N ASP A 267 -11.61 -2.10 8.87
CA ASP A 267 -12.18 -2.78 10.03
C ASP A 267 -13.57 -3.30 9.72
N ARG A 268 -14.34 -2.48 9.02
CA ARG A 268 -15.71 -2.81 8.65
C ARG A 268 -15.84 -4.12 7.87
N VAL A 269 -15.10 -4.23 6.77
CA VAL A 269 -15.20 -5.45 5.98
C VAL A 269 -14.49 -6.60 6.71
N ALA A 270 -13.56 -6.26 7.59
CA ALA A 270 -12.83 -7.27 8.34
C ALA A 270 -13.69 -7.93 9.41
N ARG A 271 -14.46 -7.13 10.12
CA ARG A 271 -15.31 -7.67 11.18
C ARG A 271 -16.74 -7.97 10.77
N HIS A 272 -17.40 -7.00 10.16
CA HIS A 272 -18.80 -7.17 9.79
C HIS A 272 -19.16 -7.92 8.51
N PHE A 273 -18.25 -8.71 7.97
CA PHE A 273 -18.55 -9.48 6.75
C PHE A 273 -17.95 -10.87 6.82
N GLU A 274 -18.65 -11.84 6.23
CA GLU A 274 -18.17 -13.22 6.22
C GLU A 274 -18.91 -13.96 5.12
N SER A 275 -18.18 -14.71 4.30
CA SER A 275 -18.80 -15.41 3.20
C SER A 275 -19.78 -16.46 3.70
N GLN A 276 -20.64 -16.92 2.80
CA GLN A 276 -21.64 -17.91 3.13
C GLN A 276 -22.15 -18.49 1.83
N SER A 277 -21.83 -19.76 1.56
CA SER A 277 -22.27 -20.40 0.32
C SER A 277 -22.53 -21.89 0.47
N ASP A 278 -23.34 -22.43 -0.43
CA ASP A 278 -23.69 -23.85 -0.44
C ASP A 278 -22.41 -24.68 -0.50
N ASP A 279 -21.51 -24.29 -1.38
CA ASP A 279 -20.24 -25.01 -1.51
C ASP A 279 -19.38 -24.69 -0.30
N PRO A 280 -18.87 -25.72 0.40
CA PRO A 280 -18.02 -25.53 1.57
C PRO A 280 -16.65 -24.93 1.25
N HIS A 281 -16.25 -25.00 -0.01
CA HIS A 281 -14.98 -24.46 -0.46
C HIS A 281 -14.94 -22.94 -0.26
N PHE A 282 -16.14 -22.35 -0.24
CA PHE A 282 -16.26 -20.90 -0.09
C PHE A 282 -17.13 -20.47 1.09
N HIS A 283 -17.31 -21.35 2.07
CA HIS A 283 -18.14 -20.99 3.20
C HIS A 283 -17.37 -20.25 4.31
N GLU A 284 -18.07 -19.35 4.98
CA GLU A 284 -17.51 -18.54 6.06
C GLU A 284 -16.06 -18.07 5.81
N LYS A 285 -15.86 -17.38 4.69
CA LYS A 285 -14.55 -16.85 4.30
C LYS A 285 -14.45 -15.37 4.67
N LYS A 286 -13.23 -14.86 4.81
CA LYS A 286 -13.04 -13.46 5.19
C LYS A 286 -12.27 -12.61 4.18
N GLN A 287 -12.18 -11.31 4.46
CA GLN A 287 -11.48 -10.37 3.58
C GLN A 287 -10.97 -9.10 4.28
N ILE A 288 -9.80 -8.62 3.85
CA ILE A 288 -9.22 -7.40 4.42
C ILE A 288 -8.79 -6.48 3.26
N PRO A 289 -9.26 -5.23 3.25
CA PRO A 289 -8.86 -4.36 2.15
C PRO A 289 -7.39 -3.98 2.22
N CYS A 290 -6.91 -3.24 1.23
CA CYS A 290 -5.51 -2.86 1.18
C CYS A 290 -5.33 -1.42 0.72
N VAL A 291 -4.73 -0.58 1.55
CA VAL A 291 -4.52 0.82 1.18
C VAL A 291 -3.07 1.17 0.87
N VAL A 292 -2.83 1.77 -0.29
CA VAL A 292 -1.48 2.16 -0.66
C VAL A 292 -1.44 3.67 -0.82
N SER A 293 -0.68 4.33 0.05
CA SER A 293 -0.60 5.77 0.01
C SER A 293 0.76 6.34 -0.32
N MET A 294 0.76 7.29 -1.25
CA MET A 294 1.96 7.98 -1.67
C MET A 294 1.63 9.45 -1.45
N LEU A 295 0.59 9.68 -0.67
CA LEU A 295 0.16 11.03 -0.39
C LEU A 295 1.23 11.70 0.47
N THR A 296 1.33 13.02 0.33
CA THR A 296 2.32 13.78 1.07
C THR A 296 1.69 14.74 2.06
N LYS A 297 0.36 14.71 2.16
CA LYS A 297 -0.37 15.59 3.07
C LYS A 297 -1.64 14.89 3.53
N GLU A 298 -2.27 15.43 4.56
CA GLU A 298 -3.52 14.86 5.05
C GLU A 298 -4.59 15.26 4.04
N LEU A 299 -5.60 14.42 3.85
CA LEU A 299 -6.65 14.73 2.91
C LEU A 299 -8.04 14.74 3.52
N TYR A 300 -8.68 15.91 3.45
CA TYR A 300 -10.04 16.08 3.95
C TYR A 300 -10.88 16.58 2.78
N PHE A 301 -12.03 15.94 2.53
CA PHE A 301 -12.89 16.35 1.44
C PHE A 301 -13.71 17.60 1.79
N SER A 302 -13.07 18.70 2.16
CA SER A 302 -13.85 19.90 2.49
C SER A 302 -12.99 21.07 2.89
N GLN A 303 -13.33 22.25 2.36
CA GLN A 303 -12.59 23.46 2.68
C GLN A 303 -12.64 23.67 4.20
N PRO B 56 -18.48 5.77 14.24
CA PRO B 56 -17.48 5.86 15.31
C PRO B 56 -16.46 4.72 15.22
N THR B 57 -15.18 5.05 15.36
CA THR B 57 -14.11 4.06 15.30
C THR B 57 -12.95 4.43 16.19
N TYR B 58 -12.38 3.41 16.81
CA TYR B 58 -11.30 3.55 17.77
C TYR B 58 -9.85 3.40 17.33
N GLN B 59 -9.01 3.26 18.36
CA GLN B 59 -7.57 3.10 18.21
C GLN B 59 -7.23 1.71 18.69
N TYR B 60 -6.04 1.23 18.33
CA TYR B 60 -5.62 -0.09 18.77
C TYR B 60 -5.42 0.03 20.28
N ASN B 61 -5.81 -0.97 21.03
CA ASN B 61 -5.64 -0.93 22.48
C ASN B 61 -4.14 -1.03 22.79
N MET B 62 -3.59 -0.01 23.44
CA MET B 62 -2.16 -0.02 23.76
C MET B 62 -1.89 -0.33 25.22
N ASN B 63 -2.94 -0.67 25.97
CA ASN B 63 -2.78 -0.96 27.39
C ASN B 63 -2.21 -2.37 27.63
N PHE B 64 -0.89 -2.48 27.51
CA PHE B 64 -0.19 -3.74 27.73
C PHE B 64 1.11 -3.51 28.51
N GLU B 65 1.61 -4.57 29.13
CA GLU B 65 2.84 -4.50 29.91
C GLU B 65 3.98 -3.87 29.10
N LYS B 66 4.07 -4.22 27.82
CA LYS B 66 5.08 -3.67 26.94
C LYS B 66 4.54 -3.32 25.55
N LEU B 67 5.26 -2.46 24.83
CA LEU B 67 4.88 -2.03 23.49
C LEU B 67 5.02 -3.21 22.53
N GLY B 68 6.19 -3.84 22.59
CA GLY B 68 6.45 -4.98 21.73
C GLY B 68 7.91 -5.08 21.32
N LYS B 69 8.24 -6.13 20.58
CA LYS B 69 9.59 -6.37 20.11
C LYS B 69 9.83 -5.57 18.81
N CYS B 70 11.08 -5.32 18.49
CA CYS B 70 11.41 -4.60 17.27
C CYS B 70 12.69 -5.20 16.69
N ILE B 71 12.52 -6.14 15.76
CA ILE B 71 13.65 -6.79 15.11
C ILE B 71 14.26 -5.88 14.05
N ILE B 72 15.51 -5.49 14.20
CA ILE B 72 16.15 -4.67 13.18
C ILE B 72 17.21 -5.53 12.49
N ILE B 73 17.07 -5.72 11.19
CA ILE B 73 18.03 -6.51 10.42
C ILE B 73 18.92 -5.58 9.59
N ASN B 74 20.17 -5.42 10.03
CA ASN B 74 21.12 -4.54 9.37
C ASN B 74 22.07 -5.29 8.43
N ASN B 75 21.72 -5.36 7.15
CA ASN B 75 22.56 -6.04 6.18
C ASN B 75 23.49 -5.04 5.50
N LYS B 76 24.79 -5.21 5.71
CA LYS B 76 25.78 -4.30 5.15
C LYS B 76 26.76 -4.95 4.20
N ASN B 77 27.25 -6.13 4.56
CA ASN B 77 28.23 -6.85 3.75
C ASN B 77 27.63 -8.08 3.10
N PHE B 78 27.71 -8.16 1.77
CA PHE B 78 27.16 -9.31 1.06
C PHE B 78 28.21 -10.20 0.39
N ASP B 79 27.92 -11.50 0.32
CA ASP B 79 28.85 -12.44 -0.29
C ASP B 79 29.22 -12.01 -1.71
N LYS B 80 30.47 -12.25 -2.08
CA LYS B 80 30.96 -11.88 -3.41
C LYS B 80 30.06 -12.48 -4.50
N VAL B 81 29.66 -13.73 -4.29
CA VAL B 81 28.80 -14.45 -5.24
C VAL B 81 27.58 -13.65 -5.66
N THR B 82 27.01 -12.89 -4.73
CA THR B 82 25.83 -12.08 -5.01
C THR B 82 26.20 -10.87 -5.86
N GLY B 83 27.44 -10.40 -5.70
CA GLY B 83 27.88 -9.25 -6.46
C GLY B 83 27.32 -7.94 -5.97
N MET B 84 26.61 -7.97 -4.86
CA MET B 84 26.01 -6.76 -4.29
C MET B 84 27.05 -5.95 -3.53
N GLY B 85 26.93 -4.63 -3.59
CA GLY B 85 27.90 -3.80 -2.91
C GLY B 85 27.74 -3.60 -1.41
N VAL B 86 28.77 -3.01 -0.80
CA VAL B 86 28.78 -2.73 0.63
C VAL B 86 27.86 -1.55 0.96
N ARG B 87 26.74 -1.82 1.60
CA ARG B 87 25.79 -0.77 1.94
C ARG B 87 26.29 0.25 2.97
N ASN B 88 27.30 1.01 2.58
CA ASN B 88 27.87 2.02 3.47
C ASN B 88 26.82 3.01 3.90
N GLY B 89 26.76 3.26 5.21
CA GLY B 89 25.79 4.19 5.75
C GLY B 89 24.69 3.46 6.51
N THR B 90 24.53 2.17 6.25
CA THR B 90 23.50 1.41 6.93
C THR B 90 23.70 1.37 8.44
N ASP B 91 24.95 1.44 8.89
CA ASP B 91 25.20 1.42 10.32
C ASP B 91 24.61 2.68 10.92
N LYS B 92 24.78 3.79 10.23
CA LYS B 92 24.25 5.06 10.72
C LYS B 92 22.73 4.92 10.82
N ASP B 93 22.11 4.31 9.80
CA ASP B 93 20.67 4.12 9.83
C ASP B 93 20.24 3.28 11.03
N ALA B 94 20.86 2.11 11.20
CA ALA B 94 20.52 1.23 12.30
C ALA B 94 20.65 1.92 13.65
N GLU B 95 21.73 2.66 13.86
CA GLU B 95 21.94 3.34 15.12
C GLU B 95 20.79 4.31 15.39
N ALA B 96 20.45 5.10 14.38
CA ALA B 96 19.37 6.09 14.50
C ALA B 96 18.03 5.43 14.72
N LEU B 97 17.77 4.34 14.02
CA LEU B 97 16.50 3.65 14.19
C LEU B 97 16.46 3.03 15.57
N PHE B 98 17.54 2.34 15.93
CA PHE B 98 17.63 1.70 17.23
C PHE B 98 17.22 2.66 18.35
N LYS B 99 17.78 3.86 18.32
CA LYS B 99 17.46 4.85 19.34
C LYS B 99 16.00 5.29 19.26
N CYS B 100 15.52 5.60 18.06
CA CYS B 100 14.13 6.03 17.89
C CYS B 100 13.13 5.05 18.44
N PHE B 101 13.22 3.80 17.99
CA PHE B 101 12.28 2.80 18.44
C PHE B 101 12.45 2.45 19.91
N ARG B 102 13.65 2.62 20.44
CA ARG B 102 13.86 2.37 21.86
C ARG B 102 13.03 3.47 22.57
N SER B 103 13.22 4.72 22.15
CA SER B 103 12.49 5.85 22.74
C SER B 103 11.00 5.63 22.65
N LEU B 104 10.55 4.99 21.58
CA LEU B 104 9.14 4.74 21.42
C LEU B 104 8.66 3.76 22.49
N GLY B 105 9.61 2.97 23.01
CA GLY B 105 9.25 2.00 24.03
C GLY B 105 9.33 0.56 23.57
N PHE B 106 9.94 0.34 22.41
CA PHE B 106 10.11 -1.02 21.86
C PHE B 106 11.31 -1.69 22.48
N ASP B 107 11.33 -3.01 22.47
CA ASP B 107 12.47 -3.76 22.98
C ASP B 107 13.26 -4.07 21.72
N VAL B 108 14.15 -3.15 21.35
CA VAL B 108 14.93 -3.30 20.13
C VAL B 108 16.05 -4.33 20.18
N ILE B 109 16.30 -4.96 19.03
CA ILE B 109 17.37 -5.94 18.90
C ILE B 109 17.90 -5.79 17.48
N VAL B 110 19.21 -5.74 17.33
CA VAL B 110 19.77 -5.59 15.99
C VAL B 110 20.62 -6.77 15.56
N TYR B 111 20.27 -7.35 14.42
CA TYR B 111 21.00 -8.48 13.86
C TYR B 111 21.80 -7.90 12.69
N ASN B 112 22.91 -8.54 12.35
CA ASN B 112 23.72 -8.00 11.27
C ASN B 112 24.16 -9.03 10.24
N ASP B 113 24.33 -8.56 9.00
CA ASP B 113 24.76 -9.41 7.88
C ASP B 113 24.12 -10.78 7.98
N CYS B 114 22.79 -10.84 7.88
CA CYS B 114 22.10 -12.11 7.99
C CYS B 114 21.85 -12.77 6.65
N SER B 115 21.93 -14.09 6.63
CA SER B 115 21.69 -14.86 5.42
C SER B 115 20.17 -15.02 5.31
N CYS B 116 19.69 -15.38 4.13
CA CYS B 116 18.26 -15.52 3.95
C CYS B 116 17.69 -16.52 4.95
N ALA B 117 18.53 -17.49 5.32
CA ALA B 117 18.10 -18.52 6.27
C ALA B 117 17.94 -17.93 7.66
N LYS B 118 18.94 -17.14 8.07
CA LYS B 118 18.89 -16.52 9.39
C LYS B 118 17.68 -15.62 9.49
N MET B 119 17.48 -14.77 8.48
CA MET B 119 16.35 -13.84 8.47
C MET B 119 15.03 -14.58 8.58
N GLN B 120 14.85 -15.62 7.78
CA GLN B 120 13.62 -16.40 7.84
C GLN B 120 13.48 -17.05 9.21
N ASP B 121 14.56 -17.66 9.69
CA ASP B 121 14.53 -18.32 10.99
C ASP B 121 14.18 -17.28 12.06
N LEU B 122 14.96 -16.20 12.06
CA LEU B 122 14.77 -15.10 12.99
C LEU B 122 13.29 -14.72 13.16
N LEU B 123 12.67 -14.34 12.06
CA LEU B 123 11.27 -13.95 12.10
C LEU B 123 10.33 -15.11 12.46
N LYS B 124 10.65 -16.32 12.02
CA LYS B 124 9.79 -17.44 12.33
C LYS B 124 9.78 -17.66 13.83
N LYS B 125 10.98 -17.70 14.40
CA LYS B 125 11.12 -17.89 15.84
C LYS B 125 10.32 -16.81 16.55
N ALA B 126 10.57 -15.56 16.17
CA ALA B 126 9.87 -14.43 16.78
C ALA B 126 8.35 -14.61 16.77
N SER B 127 7.81 -15.07 15.65
CA SER B 127 6.37 -15.28 15.52
C SER B 127 5.89 -16.37 16.47
N GLU B 128 6.80 -17.19 16.97
CA GLU B 128 6.44 -18.27 17.87
C GLU B 128 6.56 -17.87 19.34
N GLU B 129 7.12 -16.70 19.59
CA GLU B 129 7.23 -16.22 20.96
C GLU B 129 5.84 -15.80 21.44
N ASP B 130 5.70 -15.54 22.73
CA ASP B 130 4.40 -15.15 23.25
C ASP B 130 4.27 -13.64 23.39
N HIS B 131 3.48 -13.06 22.50
CA HIS B 131 3.26 -11.63 22.45
C HIS B 131 2.04 -11.16 23.26
N THR B 132 1.49 -12.04 24.07
CA THR B 132 0.32 -11.71 24.87
C THR B 132 0.37 -10.37 25.63
N ASN B 133 1.52 -10.04 26.19
CA ASN B 133 1.62 -8.80 26.94
C ASN B 133 2.19 -7.67 26.13
N ALA B 134 2.22 -7.85 24.81
CA ALA B 134 2.73 -6.83 23.91
C ALA B 134 1.59 -6.14 23.19
N ALA B 135 1.77 -4.86 22.89
CA ALA B 135 0.75 -4.09 22.19
C ALA B 135 0.82 -4.30 20.67
N CYS B 136 2.02 -4.51 20.16
CA CYS B 136 2.23 -4.72 18.73
C CYS B 136 3.61 -5.30 18.47
N PHE B 137 3.97 -5.41 17.21
CA PHE B 137 5.28 -5.95 16.80
C PHE B 137 5.89 -5.08 15.70
N ALA B 138 7.21 -5.00 15.67
CA ALA B 138 7.88 -4.18 14.65
C ALA B 138 9.16 -4.81 14.13
N CYS B 139 9.30 -4.79 12.81
CA CYS B 139 10.47 -5.34 12.15
C CYS B 139 10.97 -4.31 11.15
N ILE B 140 12.28 -4.13 11.10
CA ILE B 140 12.88 -3.17 10.18
C ILE B 140 13.91 -3.90 9.35
N LEU B 141 13.83 -3.74 8.03
CA LEU B 141 14.77 -4.40 7.13
C LEU B 141 15.61 -3.38 6.41
N LEU B 142 16.92 -3.49 6.61
CA LEU B 142 17.87 -2.58 5.98
C LEU B 142 18.83 -3.42 5.14
N SER B 143 18.62 -3.44 3.83
CA SER B 143 19.47 -4.25 2.96
C SER B 143 19.26 -3.88 1.50
N HIS B 144 19.82 -4.69 0.61
CA HIS B 144 19.66 -4.53 -0.83
C HIS B 144 18.31 -5.18 -1.13
N GLY B 145 17.70 -4.83 -2.25
CA GLY B 145 16.43 -5.44 -2.57
C GLY B 145 16.05 -5.29 -4.03
N GLU B 146 15.00 -6.00 -4.41
CA GLU B 146 14.46 -5.98 -5.77
C GLU B 146 12.96 -6.21 -5.59
N GLU B 147 12.15 -5.80 -6.55
CA GLU B 147 10.72 -5.95 -6.40
C GLU B 147 10.31 -7.27 -5.74
N ASN B 148 9.54 -7.15 -4.65
CA ASN B 148 9.03 -8.28 -3.90
C ASN B 148 10.05 -9.11 -3.16
N VAL B 149 11.33 -8.81 -3.37
CA VAL B 149 12.35 -9.59 -2.72
C VAL B 149 13.35 -8.72 -1.93
N ILE B 150 14.04 -9.33 -0.98
CA ILE B 150 15.03 -8.60 -0.20
C ILE B 150 16.31 -9.43 -0.08
N TYR B 151 17.45 -8.75 0.01
CA TYR B 151 18.71 -9.45 0.08
C TYR B 151 19.26 -9.87 1.43
N GLY B 152 19.70 -11.12 1.47
CA GLY B 152 20.33 -11.69 2.65
C GLY B 152 21.79 -11.67 2.25
N LYS B 153 22.68 -12.02 3.17
CA LYS B 153 24.11 -12.03 2.89
C LYS B 153 24.41 -12.89 1.67
N ASP B 154 23.78 -14.06 1.64
CA ASP B 154 23.96 -15.04 0.60
C ASP B 154 22.98 -15.01 -0.56
N GLY B 155 22.06 -14.06 -0.58
CA GLY B 155 21.13 -14.05 -1.68
C GLY B 155 19.85 -13.26 -1.55
N VAL B 156 18.76 -13.82 -2.08
CA VAL B 156 17.48 -13.12 -2.07
C VAL B 156 16.32 -13.96 -1.51
N THR B 157 15.41 -13.31 -0.79
CA THR B 157 14.22 -13.97 -0.26
C THR B 157 12.99 -13.08 -0.42
N PRO B 158 11.84 -13.67 -0.73
CA PRO B 158 10.63 -12.89 -0.90
C PRO B 158 10.16 -12.28 0.41
N ILE B 159 9.93 -10.98 0.39
CA ILE B 159 9.49 -10.26 1.56
C ILE B 159 8.19 -10.86 2.08
N LYS B 160 7.38 -11.39 1.18
CA LYS B 160 6.13 -12.01 1.57
C LYS B 160 6.40 -13.16 2.53
N ASP B 161 7.40 -13.98 2.23
CA ASP B 161 7.71 -15.11 3.10
C ASP B 161 8.17 -14.67 4.48
N LEU B 162 8.91 -13.57 4.54
CA LEU B 162 9.38 -13.04 5.81
C LEU B 162 8.23 -12.61 6.72
N THR B 163 7.24 -11.94 6.14
CA THR B 163 6.11 -11.44 6.92
C THR B 163 4.96 -12.41 7.18
N ALA B 164 4.80 -13.41 6.32
CA ALA B 164 3.71 -14.37 6.48
C ALA B 164 3.68 -15.02 7.86
N HIS B 165 4.86 -15.18 8.45
CA HIS B 165 4.98 -15.79 9.77
C HIS B 165 4.08 -15.15 10.81
N PHE B 166 3.64 -13.92 10.55
CA PHE B 166 2.81 -13.22 11.51
C PHE B 166 1.33 -13.16 11.20
N ARG B 167 0.88 -13.95 10.22
CA ARG B 167 -0.54 -13.95 9.88
C ARG B 167 -1.33 -14.36 11.11
N GLY B 168 -2.54 -13.84 11.23
CA GLY B 168 -3.38 -14.12 12.38
C GLY B 168 -3.49 -15.60 12.71
N ASP B 169 -3.28 -16.43 11.70
CA ASP B 169 -3.40 -17.87 11.87
C ASP B 169 -2.07 -18.54 12.13
N ARG B 170 -1.01 -17.76 12.28
CA ARG B 170 0.32 -18.34 12.53
C ARG B 170 1.05 -17.64 13.65
N CYS B 171 0.35 -16.75 14.34
CA CYS B 171 0.92 -16.03 15.46
C CYS B 171 -0.25 -15.45 16.23
N LYS B 172 -1.14 -16.33 16.68
CA LYS B 172 -2.33 -15.97 17.43
C LYS B 172 -2.06 -14.93 18.51
N THR B 173 -0.89 -15.00 19.13
CA THR B 173 -0.56 -14.06 20.18
C THR B 173 -0.48 -12.60 19.69
N LEU B 174 -0.58 -12.40 18.39
CA LEU B 174 -0.55 -11.05 17.81
C LEU B 174 -1.84 -10.67 17.07
N LEU B 175 -2.85 -11.55 17.14
CA LEU B 175 -4.14 -11.30 16.51
C LEU B 175 -4.74 -10.00 16.99
N GLU B 176 -5.25 -9.20 16.06
CA GLU B 176 -5.86 -7.93 16.41
C GLU B 176 -4.86 -6.92 16.94
N LYS B 177 -3.58 -7.22 16.75
CA LYS B 177 -2.50 -6.33 17.18
C LYS B 177 -1.73 -5.92 15.92
N PRO B 178 -1.32 -4.65 15.83
CA PRO B 178 -0.58 -4.20 14.65
C PRO B 178 0.81 -4.79 14.48
N LYS B 179 1.09 -5.28 13.28
CA LYS B 179 2.40 -5.85 12.96
C LYS B 179 3.02 -4.93 11.93
N LEU B 180 4.03 -4.15 12.34
CA LEU B 180 4.66 -3.20 11.43
C LEU B 180 5.99 -3.65 10.81
N PHE B 181 6.14 -3.39 9.51
CA PHE B 181 7.37 -3.73 8.80
C PHE B 181 7.85 -2.50 8.04
N PHE B 182 9.04 -2.03 8.37
CA PHE B 182 9.62 -0.88 7.72
C PHE B 182 10.74 -1.44 6.85
N ILE B 183 10.62 -1.28 5.53
CA ILE B 183 11.62 -1.81 4.62
C ILE B 183 12.44 -0.74 3.89
N GLN B 184 13.72 -0.66 4.22
CA GLN B 184 14.61 0.28 3.54
C GLN B 184 15.42 -0.55 2.55
N ALA B 185 14.96 -0.56 1.31
CA ALA B 185 15.64 -1.33 0.26
C ALA B 185 15.00 -1.04 -1.09
N ALA B 186 15.80 -1.18 -2.15
CA ALA B 186 15.29 -0.94 -3.50
C ALA B 186 14.22 -1.97 -3.84
N ARG B 187 13.38 -1.61 -4.80
CA ARG B 187 12.31 -2.50 -5.24
C ARG B 187 12.38 -2.56 -6.75
N GLY B 188 13.57 -2.28 -7.28
CA GLY B 188 13.78 -2.27 -8.71
C GLY B 188 14.88 -1.27 -8.99
N THR B 189 15.04 -0.89 -10.25
CA THR B 189 16.10 0.06 -10.59
C THR B 189 15.61 1.32 -11.27
N GLU B 190 14.30 1.43 -11.48
CA GLU B 190 13.75 2.64 -12.11
C GLU B 190 14.10 3.85 -11.25
N LEU B 191 14.37 4.98 -11.90
CA LEU B 191 14.69 6.20 -11.17
C LEU B 191 13.57 7.22 -11.40
N ASP B 192 13.34 8.09 -10.42
CA ASP B 192 12.29 9.09 -10.54
C ASP B 192 12.93 10.43 -10.86
N ASP B 193 12.83 10.86 -12.11
CA ASP B 193 13.42 12.12 -12.53
C ASP B 193 12.72 13.32 -11.93
N GLY B 194 11.51 13.10 -11.39
CA GLY B 194 10.77 14.20 -10.79
C GLY B 194 10.33 15.22 -11.80
N ILE B 195 9.85 16.36 -11.33
CA ILE B 195 9.39 17.43 -12.19
C ILE B 195 9.15 18.71 -11.38
N GLN B 196 9.68 19.84 -11.88
CA GLN B 196 9.53 21.13 -11.20
C GLN B 196 8.10 21.63 -11.35
N ARG B 210 -19.02 -15.09 18.57
CA ARG B 210 -18.83 -15.52 17.18
C ARG B 210 -18.24 -14.41 16.33
N TYR B 211 -16.91 -14.27 16.37
CA TYR B 211 -16.21 -13.26 15.59
C TYR B 211 -14.98 -13.91 14.94
N LYS B 212 -14.69 -13.54 13.69
CA LYS B 212 -13.54 -14.10 13.00
C LYS B 212 -12.84 -12.98 12.22
N ILE B 213 -11.52 -13.02 12.12
CA ILE B 213 -10.81 -11.96 11.41
C ILE B 213 -9.86 -12.46 10.34
N PRO B 214 -9.67 -11.67 9.26
CA PRO B 214 -8.79 -12.05 8.16
C PRO B 214 -7.39 -12.34 8.67
N VAL B 215 -6.88 -13.52 8.33
CA VAL B 215 -5.54 -13.88 8.78
C VAL B 215 -4.54 -12.82 8.30
N GLU B 216 -4.94 -12.10 7.26
CA GLU B 216 -4.08 -11.09 6.66
C GLU B 216 -4.28 -9.67 7.15
N ALA B 217 -5.11 -9.48 8.18
CA ALA B 217 -5.37 -8.15 8.71
C ALA B 217 -4.34 -7.63 9.72
N ASP B 218 -4.35 -6.33 9.93
CA ASP B 218 -3.48 -5.65 10.88
C ASP B 218 -2.00 -5.64 10.57
N PHE B 219 -1.67 -5.52 9.30
CA PHE B 219 -0.30 -5.43 8.85
C PHE B 219 -0.12 -4.03 8.25
N LEU B 220 1.07 -3.47 8.40
CA LEU B 220 1.38 -2.17 7.84
C LEU B 220 2.80 -2.27 7.31
N PHE B 221 2.99 -1.95 6.03
CA PHE B 221 4.34 -2.00 5.46
C PHE B 221 4.71 -0.60 5.07
N ALA B 222 5.79 -0.09 5.65
CA ALA B 222 6.27 1.24 5.32
C ALA B 222 7.50 1.08 4.45
N TYR B 223 7.31 1.15 3.14
CA TYR B 223 8.42 1.00 2.20
C TYR B 223 9.12 2.34 1.96
N SER B 224 10.43 2.28 1.77
CA SER B 224 11.20 3.49 1.51
C SER B 224 10.89 4.03 0.12
N THR B 225 10.57 3.13 -0.80
CA THR B 225 10.28 3.54 -2.17
C THR B 225 9.10 2.79 -2.78
N VAL B 226 8.68 3.26 -3.95
CA VAL B 226 7.57 2.70 -4.68
C VAL B 226 8.01 1.46 -5.47
N PRO B 227 7.08 0.54 -5.74
CA PRO B 227 7.38 -0.68 -6.49
C PRO B 227 8.12 -0.40 -7.80
N GLY B 228 9.18 -1.17 -8.05
CA GLY B 228 9.95 -1.00 -9.27
C GLY B 228 11.04 0.06 -9.26
N TYR B 229 11.03 0.93 -8.27
CA TYR B 229 12.04 1.98 -8.22
C TYR B 229 13.20 1.72 -7.28
N TYR B 230 14.24 2.55 -7.42
CA TYR B 230 15.45 2.48 -6.62
C TYR B 230 15.20 3.17 -5.27
N SER B 231 16.14 3.01 -4.35
CA SER B 231 16.03 3.62 -3.03
C SER B 231 17.35 4.31 -2.74
N TRP B 232 17.32 5.59 -2.42
CA TRP B 232 18.56 6.33 -2.16
C TRP B 232 19.09 6.41 -0.74
N ARG B 233 20.40 6.56 -0.64
CA ARG B 233 21.08 6.68 0.64
C ARG B 233 22.43 7.36 0.42
N SER B 234 22.95 8.04 1.44
CA SER B 234 24.24 8.69 1.33
C SER B 234 25.13 8.04 2.39
N PRO B 235 26.26 7.42 1.97
CA PRO B 235 27.16 6.78 2.91
C PRO B 235 27.51 7.66 4.10
N GLY B 236 27.25 8.95 3.97
CA GLY B 236 27.55 9.86 5.06
C GLY B 236 26.33 10.04 5.95
N ARG B 237 25.28 10.65 5.42
CA ARG B 237 24.07 10.90 6.18
C ARG B 237 23.19 9.66 6.39
N GLY B 238 23.25 8.72 5.46
CA GLY B 238 22.44 7.51 5.54
C GLY B 238 21.23 7.58 4.62
N SER B 239 20.39 6.54 4.67
CA SER B 239 19.18 6.48 3.83
C SER B 239 18.26 7.69 3.97
N TRP B 240 17.69 8.13 2.84
CA TRP B 240 16.76 9.27 2.85
C TRP B 240 15.55 8.97 3.72
N PHE B 241 14.93 7.82 3.42
CA PHE B 241 13.77 7.34 4.13
C PHE B 241 14.04 7.21 5.62
N VAL B 242 15.17 6.60 5.96
CA VAL B 242 15.53 6.42 7.36
C VAL B 242 15.81 7.76 8.00
N GLN B 243 16.49 8.64 7.28
CA GLN B 243 16.78 9.97 7.81
C GLN B 243 15.45 10.66 8.14
N ALA B 244 14.52 10.59 7.19
CA ALA B 244 13.21 11.20 7.35
C ALA B 244 12.42 10.58 8.49
N LEU B 245 12.27 9.25 8.44
CA LEU B 245 11.53 8.51 9.46
C LEU B 245 11.98 8.86 10.88
N CYS B 246 13.29 8.91 11.08
CA CYS B 246 13.83 9.24 12.39
C CYS B 246 13.48 10.67 12.79
N SER B 247 13.60 11.61 11.85
CA SER B 247 13.26 13.00 12.16
C SER B 247 11.86 13.09 12.72
N ILE B 248 10.87 12.78 11.87
CA ILE B 248 9.47 12.83 12.27
C ILE B 248 9.19 12.05 13.56
N LEU B 249 9.74 10.84 13.67
CA LEU B 249 9.52 10.05 14.88
C LEU B 249 10.02 10.78 16.11
N GLU B 250 11.25 11.28 16.04
CA GLU B 250 11.81 12.03 17.15
C GLU B 250 10.89 13.21 17.51
N GLU B 251 10.37 13.89 16.50
CA GLU B 251 9.51 15.05 16.73
C GLU B 251 8.06 14.75 17.07
N HIS B 252 7.49 13.68 16.53
CA HIS B 252 6.09 13.35 16.81
C HIS B 252 5.74 11.90 17.07
N GLY B 253 6.74 11.05 17.14
CA GLY B 253 6.48 9.64 17.39
C GLY B 253 5.48 9.36 18.50
N LYS B 254 5.45 10.22 19.51
CA LYS B 254 4.53 9.99 20.63
C LYS B 254 3.24 10.76 20.63
N ASP B 255 3.00 11.61 19.64
CA ASP B 255 1.75 12.34 19.64
C ASP B 255 0.94 12.21 18.37
N LEU B 256 1.55 11.76 17.28
CA LEU B 256 0.82 11.60 16.02
C LEU B 256 0.43 10.16 15.74
N GLU B 257 -0.63 9.99 14.96
CA GLU B 257 -1.11 8.66 14.59
C GLU B 257 -0.15 8.10 13.52
N ILE B 258 0.06 6.79 13.55
CA ILE B 258 1.01 6.16 12.63
C ILE B 258 0.91 6.61 11.16
N MET B 259 -0.31 6.77 10.64
CA MET B 259 -0.44 7.19 9.25
C MET B 259 -0.05 8.64 9.02
N GLN B 260 -0.24 9.48 10.04
CA GLN B 260 0.13 10.89 9.94
C GLN B 260 1.66 10.98 9.86
N ILE B 261 2.30 10.22 10.74
CA ILE B 261 3.75 10.16 10.82
C ILE B 261 4.33 9.75 9.47
N LEU B 262 3.86 8.61 8.96
CA LEU B 262 4.36 8.11 7.69
C LEU B 262 4.04 9.06 6.53
N THR B 263 2.90 9.75 6.60
CA THR B 263 2.58 10.69 5.53
C THR B 263 3.58 11.84 5.56
N ARG B 264 3.89 12.34 6.76
CA ARG B 264 4.87 13.42 6.86
C ARG B 264 6.22 12.93 6.37
N VAL B 265 6.52 11.66 6.59
CA VAL B 265 7.79 11.13 6.11
C VAL B 265 7.75 11.16 4.59
N ASN B 266 6.60 10.79 4.01
CA ASN B 266 6.44 10.80 2.56
C ASN B 266 6.79 12.15 1.97
N ASP B 267 6.21 13.19 2.55
CA ASP B 267 6.43 14.56 2.09
C ASP B 267 7.90 14.95 2.27
N ARG B 268 8.46 14.56 3.41
CA ARG B 268 9.83 14.88 3.73
C ARG B 268 10.83 14.38 2.68
N VAL B 269 10.78 13.09 2.34
CA VAL B 269 11.72 12.60 1.36
C VAL B 269 11.35 13.10 -0.02
N ALA B 270 10.08 13.43 -0.21
CA ALA B 270 9.61 13.91 -1.50
C ALA B 270 10.10 15.32 -1.82
N ARG B 271 10.06 16.20 -0.82
CA ARG B 271 10.48 17.57 -1.01
C ARG B 271 11.93 17.86 -0.62
N HIS B 272 12.30 17.47 0.60
CA HIS B 272 13.63 17.77 1.10
C HIS B 272 14.81 16.88 0.70
N PHE B 273 14.67 16.11 -0.37
CA PHE B 273 15.78 15.24 -0.83
C PHE B 273 15.87 15.23 -2.35
N GLU B 274 17.09 15.13 -2.85
CA GLU B 274 17.31 15.09 -4.30
C GLU B 274 18.69 14.50 -4.52
N SER B 275 18.81 13.56 -5.45
CA SER B 275 20.09 12.94 -5.72
C SER B 275 21.08 13.94 -6.28
N GLN B 276 22.34 13.57 -6.24
CA GLN B 276 23.41 14.43 -6.71
C GLN B 276 24.66 13.56 -6.90
N SER B 277 25.06 13.34 -8.15
CA SER B 277 26.23 12.51 -8.42
C SER B 277 27.00 12.95 -9.65
N ASP B 278 28.27 12.57 -9.70
CA ASP B 278 29.16 12.90 -10.81
C ASP B 278 28.55 12.40 -12.11
N ASP B 279 28.05 11.17 -12.10
CA ASP B 279 27.43 10.60 -13.29
C ASP B 279 26.06 11.27 -13.47
N PRO B 280 25.79 11.80 -14.67
CA PRO B 280 24.52 12.46 -14.98
C PRO B 280 23.33 11.52 -15.01
N HIS B 281 23.60 10.23 -15.18
CA HIS B 281 22.56 9.21 -15.20
C HIS B 281 21.80 9.18 -13.88
N PHE B 282 22.45 9.64 -12.81
CA PHE B 282 21.87 9.63 -11.49
C PHE B 282 21.84 11.00 -10.83
N HIS B 283 21.95 12.06 -11.61
CA HIS B 283 21.96 13.38 -11.02
C HIS B 283 20.55 13.92 -10.78
N GLU B 284 20.41 14.71 -9.71
CA GLU B 284 19.14 15.33 -9.32
C GLU B 284 17.91 14.44 -9.51
N LYS B 285 17.95 13.25 -8.91
CA LYS B 285 16.86 12.27 -8.98
C LYS B 285 15.98 12.38 -7.73
N LYS B 286 14.73 11.91 -7.82
CA LYS B 286 13.82 11.98 -6.70
C LYS B 286 13.29 10.65 -6.19
N GLN B 287 12.55 10.69 -5.08
CA GLN B 287 11.98 9.49 -4.48
C GLN B 287 10.72 9.74 -3.63
N ILE B 288 9.78 8.80 -3.66
CA ILE B 288 8.55 8.88 -2.88
C ILE B 288 8.33 7.54 -2.16
N PRO B 289 8.18 7.56 -0.83
CA PRO B 289 7.98 6.29 -0.14
C PRO B 289 6.60 5.69 -0.45
N CYS B 290 6.36 4.50 0.07
CA CYS B 290 5.10 3.81 -0.19
C CYS B 290 4.55 3.13 1.07
N VAL B 291 3.36 3.50 1.48
CA VAL B 291 2.76 2.90 2.66
C VAL B 291 1.60 1.96 2.36
N VAL B 292 1.68 0.74 2.87
CA VAL B 292 0.60 -0.22 2.65
C VAL B 292 -0.02 -0.59 4.00
N SER B 293 -1.28 -0.22 4.18
CA SER B 293 -1.96 -0.47 5.44
C SER B 293 -3.14 -1.44 5.38
N MET B 294 -3.12 -2.38 6.30
CA MET B 294 -4.18 -3.36 6.43
C MET B 294 -4.63 -3.22 7.88
N LEU B 295 -4.25 -2.09 8.49
CA LEU B 295 -4.63 -1.82 9.86
C LEU B 295 -6.13 -1.61 9.89
N THR B 296 -6.73 -1.95 11.03
CA THR B 296 -8.18 -1.81 11.22
C THR B 296 -8.52 -0.78 12.28
N LYS B 297 -7.50 -0.12 12.83
CA LYS B 297 -7.68 0.89 13.87
C LYS B 297 -6.59 1.94 13.76
N GLU B 298 -6.78 3.06 14.44
CA GLU B 298 -5.77 4.10 14.43
C GLU B 298 -4.66 3.61 15.34
N LEU B 299 -3.42 4.01 15.06
CA LEU B 299 -2.30 3.56 15.88
C LEU B 299 -1.47 4.69 16.45
N TYR B 300 -1.44 4.78 17.77
CA TYR B 300 -0.66 5.79 18.49
C TYR B 300 0.30 5.04 19.42
N PHE B 301 1.58 5.38 19.36
CA PHE B 301 2.56 4.71 20.21
C PHE B 301 2.50 5.21 21.65
N SER B 302 1.34 5.08 22.28
CA SER B 302 1.16 5.51 23.66
C SER B 302 -0.24 5.14 24.16
N GLU C 11 -9.31 -29.90 -13.73
CA GLU C 11 -10.50 -29.06 -14.04
C GLU C 11 -11.01 -28.34 -12.79
N THR C 12 -11.42 -29.10 -11.78
CA THR C 12 -11.94 -28.58 -10.52
C THR C 12 -12.89 -27.40 -10.68
N HIS C 13 -14.18 -27.71 -10.82
CA HIS C 13 -15.23 -26.71 -10.98
C HIS C 13 -15.00 -25.51 -10.05
N ALA C 14 -14.59 -25.82 -8.83
CA ALA C 14 -14.31 -24.81 -7.80
C ALA C 14 -13.32 -23.76 -8.28
N ASP C 15 -12.15 -24.21 -8.74
CA ASP C 15 -11.15 -23.26 -9.21
C ASP C 15 -11.68 -22.59 -10.46
N TYR C 16 -12.55 -23.30 -11.18
CA TYR C 16 -13.17 -22.77 -12.38
C TYR C 16 -14.02 -21.55 -11.99
N LEU C 17 -14.78 -21.70 -10.91
CA LEU C 17 -15.63 -20.62 -10.42
C LEU C 17 -14.84 -19.38 -10.00
N LEU C 18 -13.75 -19.58 -9.28
CA LEU C 18 -12.92 -18.46 -8.84
C LEU C 18 -12.21 -17.84 -10.04
N ARG C 19 -11.69 -18.70 -10.90
CA ARG C 19 -10.98 -18.23 -12.09
C ARG C 19 -11.83 -17.27 -12.89
N THR C 20 -13.12 -17.58 -12.99
CA THR C 20 -14.08 -16.78 -13.74
C THR C 20 -14.81 -15.80 -12.80
N GLY C 21 -14.35 -15.74 -11.56
CA GLY C 21 -14.92 -14.84 -10.57
C GLY C 21 -16.41 -14.93 -10.41
N GLN C 22 -16.94 -16.15 -10.41
CA GLN C 22 -18.37 -16.35 -10.26
C GLN C 22 -18.76 -16.64 -8.81
N VAL C 23 -17.76 -16.78 -7.94
CA VAL C 23 -18.03 -17.04 -6.53
C VAL C 23 -18.56 -15.76 -5.87
N VAL C 24 -19.74 -15.85 -5.28
CA VAL C 24 -20.36 -14.69 -4.66
C VAL C 24 -20.96 -15.05 -3.30
N ASP C 25 -20.97 -14.08 -2.40
CA ASP C 25 -21.55 -14.29 -1.09
C ASP C 25 -23.07 -14.29 -1.27
N ILE C 26 -23.71 -15.37 -0.87
CA ILE C 26 -25.16 -15.52 -0.98
C ILE C 26 -25.77 -15.45 0.43
N SER C 27 -26.06 -14.23 0.91
CA SER C 27 -26.61 -14.07 2.25
C SER C 27 -27.12 -12.66 2.60
N GLU D 11 24.69 -5.33 -19.95
CA GLU D 11 26.18 -5.23 -19.85
C GLU D 11 26.62 -3.78 -19.66
N THR D 12 25.65 -2.89 -19.42
CA THR D 12 25.91 -1.46 -19.24
C THR D 12 26.35 -1.13 -17.82
N HIS D 13 27.54 -0.54 -17.68
CA HIS D 13 28.08 -0.18 -16.38
C HIS D 13 27.25 0.83 -15.58
N ALA D 14 26.72 1.85 -16.25
CA ALA D 14 25.89 2.83 -15.56
C ALA D 14 24.73 2.07 -14.90
N ASP D 15 24.53 0.84 -15.37
CA ASP D 15 23.47 -0.03 -14.85
C ASP D 15 24.07 -1.01 -13.85
N TYR D 16 25.40 -1.10 -13.84
CA TYR D 16 26.11 -1.99 -12.93
C TYR D 16 25.88 -1.56 -11.49
N LEU D 17 26.14 -0.28 -11.23
CA LEU D 17 25.97 0.28 -9.90
C LEU D 17 24.51 0.14 -9.46
N LEU D 18 23.62 0.04 -10.44
CA LEU D 18 22.19 -0.11 -10.18
C LEU D 18 21.87 -1.51 -9.69
N ARG D 19 21.98 -2.49 -10.58
CA ARG D 19 21.71 -3.88 -10.25
C ARG D 19 22.48 -4.32 -9.01
N THR D 20 23.68 -3.76 -8.81
CA THR D 20 24.51 -4.13 -7.66
C THR D 20 24.33 -3.19 -6.47
N GLY D 21 23.49 -2.17 -6.64
CA GLY D 21 23.21 -1.22 -5.58
C GLY D 21 24.30 -0.23 -5.21
N GLN D 22 25.32 -0.13 -6.04
CA GLN D 22 26.42 0.78 -5.76
C GLN D 22 26.05 2.27 -5.83
N VAL D 23 25.01 2.61 -6.60
CA VAL D 23 24.60 4.01 -6.73
C VAL D 23 24.17 4.64 -5.41
N VAL D 24 24.71 5.82 -5.13
CA VAL D 24 24.40 6.53 -3.90
C VAL D 24 24.40 8.03 -4.18
N ASP D 25 23.90 8.79 -3.22
CA ASP D 25 23.83 10.24 -3.33
C ASP D 25 25.09 10.82 -2.70
N ILE D 26 25.91 11.45 -3.54
CA ILE D 26 27.17 12.05 -3.10
C ILE D 26 27.00 13.33 -2.27
N SER D 27 25.82 13.95 -2.34
CA SER D 27 25.59 15.19 -1.58
C SER D 27 25.68 15.02 -0.05
#